data_7SL9
#
_entry.id   7SL9
#
_cell.length_a   1.00
_cell.length_b   1.00
_cell.length_c   1.00
_cell.angle_alpha   90.00
_cell.angle_beta   90.00
_cell.angle_gamma   90.00
#
_symmetry.space_group_name_H-M   'P 1'
#
loop_
_entity.id
_entity.type
_entity.pdbx_description
1 polymer 'Sodium-coupled monocarboxylate transporter 1'
2 polymer 'nanobody Nb2'
3 non-polymer 'butanoic acid'
#
loop_
_entity_poly.entity_id
_entity_poly.type
_entity_poly.pdbx_seq_one_letter_code
_entity_poly.pdbx_strand_id
1 'polypeptide(L)'
;MDTPRGIGTFVVWDYVVFAGMLVISAAIGIYYAFAGGGQQTSKDFLMGGRRMTAVPVALSLTASFMSAVTVLGTPSEVYR
FGAIFSIFAFTYFFVVVISAEVFLPVFYKLGITSTYEYLELRFNKCVRLCGTVLFIVQTILYTGIVIYAPALALNQVTGF
DLWGAVVATGVVCTFYCTLGGLKAVIWTDVFQVGIMVAGFASVIIQAVVMQGGISTILNDAYDGGRLNFWNFNPNPLQRH
TFWTIIIGGTFTWTSIYGVNQSQVQRYISCKSRFQAKLSLYINLVGLWAILTCSVFCGLALYSRYHDCDPWTAKKVSAPD
QLMPYLVLDILQDYPGLPGLFVACAYSGTLSTVSSSINALAAVTVEDLIKPYFRSLSERSLSWISQGMSVVYGALCIGMA
ALASLMGALLQAALSVFGMVGGPLMGLFALGILVPFANSIGALVGLMAGFAISLWVGIGAQIYPPLPERTLPLHLDIQGC
NSTYNETNLMTTTEMPFTTSVFQIYNVQRTPLMDNWYSLSYLYFSTVGTLVTLLVGILVSLSTGGRKQNLDPRYILTKED
FLSNFDIFKKKKHVLSYKSHPVEDGGTDNPAFNHIELNSDQSGKSNGTRLSNSLEVLFQ
;
A
2 'polypeptide(L)'
;MAQVQLQESGGGLVQAGGSLRLSCAASGNISTRAGMGWYRQAPGKEREFVASINWGAITNYADSVKGRFTISRDNAKNTV
YLQMNSLKPEDTAVYYCAVEYKYGPQRSDTYYYWGQGTQVTVSSHHHHHH
;
B
#
# COMPACT_ATOMS: atom_id res chain seq x y z
N GLY A 6 19.81 -19.98 14.96
CA GLY A 6 18.69 -19.67 15.82
C GLY A 6 17.69 -18.70 15.19
N ILE A 7 17.28 -17.69 15.96
CA ILE A 7 16.35 -16.68 15.49
C ILE A 7 16.95 -15.27 15.61
N GLY A 8 17.57 -14.95 16.74
CA GLY A 8 18.19 -13.65 16.92
C GLY A 8 17.20 -12.56 17.32
N THR A 9 17.58 -11.75 18.30
CA THR A 9 16.75 -10.65 18.79
C THR A 9 17.64 -9.44 19.05
N PHE A 10 17.06 -8.40 19.64
CA PHE A 10 17.85 -7.31 20.19
C PHE A 10 18.77 -7.79 21.30
N VAL A 11 19.92 -7.13 21.42
CA VAL A 11 20.84 -7.30 22.53
C VAL A 11 20.93 -5.96 23.26
N VAL A 12 21.74 -5.89 24.31
CA VAL A 12 21.88 -4.64 25.04
C VAL A 12 22.75 -3.62 24.34
N TRP A 13 23.49 -4.03 23.31
CA TRP A 13 24.47 -3.13 22.69
C TRP A 13 23.90 -2.34 21.51
N ASP A 14 22.89 -2.87 20.83
CA ASP A 14 22.30 -2.15 19.70
C ASP A 14 21.06 -1.34 20.06
N TYR A 15 20.62 -1.47 21.30
CA TYR A 15 19.45 -0.73 21.75
C TYR A 15 19.80 0.73 21.79
N VAL A 16 21.03 1.04 22.18
CA VAL A 16 21.49 2.42 22.28
C VAL A 16 21.76 2.97 20.87
N VAL A 17 22.01 2.08 19.90
CA VAL A 17 22.22 2.50 18.52
C VAL A 17 20.92 3.04 17.93
N PHE A 18 19.80 2.41 18.28
CA PHE A 18 18.50 2.93 17.87
C PHE A 18 18.19 4.24 18.58
N ALA A 19 18.51 4.33 19.86
CA ALA A 19 18.22 5.56 20.61
C ALA A 19 19.21 6.66 20.29
N GLY A 20 20.45 6.29 19.98
CA GLY A 20 21.47 7.29 19.72
C GLY A 20 21.31 7.93 18.36
N MET A 21 20.87 7.15 17.37
CA MET A 21 20.64 7.71 16.04
C MET A 21 19.36 8.53 16.01
N LEU A 22 18.44 8.26 16.95
CA LEU A 22 17.21 9.03 17.01
C LEU A 22 17.43 10.39 17.65
N VAL A 23 18.29 10.47 18.65
CA VAL A 23 18.42 11.70 19.43
C VAL A 23 19.28 12.72 18.66
N ILE A 24 20.19 12.25 17.81
CA ILE A 24 21.03 13.16 17.06
C ILE A 24 20.23 13.84 15.96
N SER A 25 19.22 13.17 15.41
CA SER A 25 18.27 13.81 14.51
C SER A 25 17.45 14.88 15.21
N ALA A 26 17.10 14.64 16.47
CA ALA A 26 16.52 15.68 17.29
C ALA A 26 17.55 16.75 17.68
N ALA A 27 18.82 16.38 17.76
CA ALA A 27 19.85 17.34 18.14
C ALA A 27 20.14 18.31 17.00
N ILE A 28 20.07 17.83 15.76
CA ILE A 28 20.20 18.71 14.60
C ILE A 28 19.03 19.69 14.54
N GLY A 29 17.83 19.20 14.85
CA GLY A 29 16.65 20.05 14.77
C GLY A 29 16.61 21.12 15.85
N ILE A 30 17.08 20.80 17.05
CA ILE A 30 16.99 21.77 18.14
C ILE A 30 18.09 22.83 18.02
N TYR A 31 19.22 22.52 17.37
CA TYR A 31 20.31 23.49 17.27
C TYR A 31 19.98 24.57 16.26
N TYR A 32 19.43 24.19 15.10
CA TYR A 32 19.07 25.18 14.10
C TYR A 32 17.81 25.93 14.47
N ALA A 33 16.95 25.36 15.32
CA ALA A 33 15.82 26.11 15.85
C ALA A 33 16.28 27.08 16.93
N PHE A 34 16.94 26.56 17.96
CA PHE A 34 17.54 27.41 19.00
C PHE A 34 18.93 27.85 18.54
N ALA A 35 18.93 28.80 17.62
CA ALA A 35 20.17 29.31 17.03
C ALA A 35 20.32 30.80 17.32
N MET A 52 16.01 28.72 -2.94
CA MET A 52 16.25 27.46 -2.25
C MET A 52 17.08 26.52 -3.11
N THR A 53 17.41 26.98 -4.32
CA THR A 53 18.35 26.40 -5.31
C THR A 53 18.06 24.93 -5.69
N ALA A 54 16.89 24.40 -5.30
CA ALA A 54 16.23 23.20 -5.81
C ALA A 54 16.91 21.87 -5.50
N VAL A 55 18.15 21.89 -5.04
CA VAL A 55 18.80 20.67 -4.56
C VAL A 55 18.37 20.33 -3.12
N PRO A 56 18.26 21.29 -2.17
CA PRO A 56 17.66 20.90 -0.86
C PRO A 56 16.20 20.47 -0.91
N VAL A 57 15.34 21.22 -1.59
CA VAL A 57 13.91 20.98 -1.48
C VAL A 57 13.50 19.73 -2.24
N ALA A 58 14.32 19.28 -3.19
CA ALA A 58 14.07 18.02 -3.84
C ALA A 58 14.39 16.86 -2.92
N LEU A 59 15.42 17.01 -2.10
CA LEU A 59 15.71 15.99 -1.10
C LEU A 59 14.73 16.07 0.06
N SER A 60 14.23 17.26 0.37
CA SER A 60 13.18 17.38 1.37
C SER A 60 11.84 16.88 0.84
N LEU A 61 11.65 16.87 -0.48
CA LEU A 61 10.49 16.23 -1.08
C LEU A 61 10.58 14.72 -1.08
N THR A 62 11.80 14.18 -0.99
CA THR A 62 12.00 12.74 -0.92
C THR A 62 11.76 12.23 0.49
N ALA A 63 12.13 13.04 1.50
CA ALA A 63 11.98 12.62 2.89
C ALA A 63 10.53 12.51 3.32
N SER A 64 9.63 13.29 2.68
CA SER A 64 8.21 13.10 2.94
C SER A 64 7.71 11.81 2.34
N PHE A 65 8.25 11.43 1.18
CA PHE A 65 7.94 10.13 0.59
C PHE A 65 8.55 9.00 1.39
N MET A 66 9.71 9.23 2.00
CA MET A 66 10.47 8.19 2.69
C MET A 66 9.95 8.07 4.13
N SER A 67 8.69 7.67 4.24
CA SER A 67 8.01 7.52 5.52
C SER A 67 8.20 6.10 6.03
N ALA A 68 7.62 5.81 7.18
CA ALA A 68 7.63 4.45 7.69
C ALA A 68 6.55 3.58 7.04
N VAL A 69 5.76 4.16 6.15
CA VAL A 69 4.79 3.42 5.37
C VAL A 69 5.44 2.81 4.13
N THR A 70 6.30 3.56 3.46
CA THR A 70 6.90 3.13 2.21
C THR A 70 8.27 2.47 2.43
N VAL A 71 8.59 2.14 3.68
CA VAL A 71 9.79 1.35 3.97
C VAL A 71 9.42 0.03 4.64
N LEU A 72 8.49 0.08 5.57
CA LEU A 72 8.05 -1.11 6.28
C LEU A 72 6.96 -1.87 5.54
N GLY A 73 6.17 -1.20 4.70
CA GLY A 73 5.02 -1.82 4.11
C GLY A 73 5.10 -2.14 2.63
N THR A 74 6.03 -1.50 1.92
CA THR A 74 6.23 -1.82 0.51
C THR A 74 6.89 -3.19 0.29
N PRO A 75 7.88 -3.64 1.07
CA PRO A 75 8.29 -5.05 0.90
C PRO A 75 7.24 -6.06 1.31
N SER A 76 6.48 -5.79 2.37
CA SER A 76 5.48 -6.76 2.81
C SER A 76 4.27 -6.83 1.89
N GLU A 77 4.11 -5.85 0.99
CA GLU A 77 3.05 -5.89 0.00
C GLU A 77 3.51 -6.51 -1.30
N VAL A 78 4.79 -6.32 -1.66
CA VAL A 78 5.35 -7.00 -2.83
C VAL A 78 5.51 -8.49 -2.55
N TYR A 79 5.77 -8.84 -1.30
CA TYR A 79 5.94 -10.24 -0.90
C TYR A 79 4.63 -11.01 -0.98
N ARG A 80 3.49 -10.33 -0.84
CA ARG A 80 2.19 -10.98 -0.84
C ARG A 80 1.46 -10.88 -2.18
N PHE A 81 1.44 -9.70 -2.79
CA PHE A 81 0.65 -9.47 -4.01
C PHE A 81 1.52 -9.31 -5.24
N GLY A 82 2.65 -10.00 -5.29
CA GLY A 82 3.52 -9.93 -6.44
C GLY A 82 4.26 -8.61 -6.56
N ALA A 83 5.14 -8.54 -7.55
CA ALA A 83 5.88 -7.32 -7.83
C ALA A 83 5.23 -6.51 -8.95
N ILE A 84 3.90 -6.47 -8.99
CA ILE A 84 3.19 -5.58 -9.89
C ILE A 84 3.39 -4.12 -9.45
N PHE A 85 3.77 -3.91 -8.19
CA PHE A 85 4.08 -2.60 -7.66
C PHE A 85 5.24 -1.91 -8.37
N SER A 86 6.05 -2.64 -9.15
CA SER A 86 7.09 -2.06 -9.97
C SER A 86 6.55 -1.19 -11.10
N ILE A 87 5.26 -1.34 -11.48
CA ILE A 87 4.64 -0.50 -12.49
C ILE A 87 4.46 0.93 -11.98
N PHE A 88 4.52 1.14 -10.65
CA PHE A 88 4.48 2.48 -10.07
C PHE A 88 5.64 3.36 -10.50
N ALA A 89 6.73 2.79 -11.02
CA ALA A 89 7.84 3.58 -11.53
C ALA A 89 7.43 4.42 -12.73
N PHE A 90 6.42 3.98 -13.49
CA PHE A 90 5.87 4.84 -14.52
C PHE A 90 4.83 5.78 -13.94
N THR A 91 4.14 5.36 -12.87
CA THR A 91 3.18 6.23 -12.20
C THR A 91 3.87 7.41 -11.55
N TYR A 92 5.05 7.20 -10.96
CA TYR A 92 5.82 8.30 -10.41
C TYR A 92 6.35 9.24 -11.50
N PHE A 93 6.45 8.77 -12.74
CA PHE A 93 6.83 9.66 -13.83
C PHE A 93 5.64 10.43 -14.37
N PHE A 94 4.47 9.80 -14.43
CA PHE A 94 3.29 10.49 -14.95
C PHE A 94 2.68 11.48 -13.96
N VAL A 95 3.11 11.48 -12.71
CA VAL A 95 2.62 12.50 -11.78
C VAL A 95 3.51 13.73 -11.79
N VAL A 96 4.83 13.56 -11.91
CA VAL A 96 5.73 14.72 -11.93
C VAL A 96 5.69 15.43 -13.27
N VAL A 97 5.17 14.80 -14.32
CA VAL A 97 4.91 15.51 -15.56
C VAL A 97 3.68 16.39 -15.41
N ILE A 98 2.61 15.82 -14.83
CA ILE A 98 1.36 16.56 -14.63
C ILE A 98 1.54 17.66 -13.59
N SER A 99 2.19 17.34 -12.47
CA SER A 99 2.34 18.29 -11.39
C SER A 99 3.34 19.40 -11.67
N ALA A 100 4.09 19.32 -12.77
CA ALA A 100 4.98 20.41 -13.17
C ALA A 100 4.49 21.18 -14.37
N GLU A 101 3.86 20.50 -15.34
CA GLU A 101 3.30 21.21 -16.49
C GLU A 101 2.00 21.93 -16.13
N VAL A 102 1.12 21.27 -15.38
CA VAL A 102 -0.22 21.79 -15.17
C VAL A 102 -0.33 22.56 -13.85
N PHE A 103 -0.10 21.87 -12.74
CA PHE A 103 -0.40 22.44 -11.43
C PHE A 103 0.67 23.37 -10.91
N LEU A 104 1.90 23.28 -11.40
CA LEU A 104 2.96 24.12 -10.87
C LEU A 104 2.99 25.58 -11.37
N PRO A 105 2.82 25.89 -12.67
CA PRO A 105 2.84 27.32 -13.04
C PRO A 105 1.63 28.12 -12.60
N VAL A 106 0.58 27.49 -12.09
CA VAL A 106 -0.58 28.24 -11.61
C VAL A 106 -0.34 28.75 -10.20
N PHE A 107 0.15 27.90 -9.31
CA PHE A 107 0.39 28.32 -7.93
C PHE A 107 1.63 29.20 -7.80
N TYR A 108 2.47 29.25 -8.82
CA TYR A 108 3.71 30.02 -8.71
C TYR A 108 3.59 31.41 -9.32
N LYS A 109 3.05 31.50 -10.55
CA LYS A 109 3.04 32.77 -11.27
C LYS A 109 2.04 33.77 -10.69
N LEU A 110 1.10 33.32 -9.87
CA LEU A 110 0.14 34.22 -9.25
C LEU A 110 0.59 34.74 -7.89
N GLY A 111 1.77 34.34 -7.43
CA GLY A 111 2.27 34.80 -6.13
C GLY A 111 1.50 34.26 -4.96
N ILE A 112 1.06 33.01 -5.03
CA ILE A 112 0.25 32.41 -3.99
C ILE A 112 1.14 32.10 -2.78
N THR A 113 0.62 32.37 -1.58
CA THR A 113 1.35 32.01 -0.37
C THR A 113 1.18 30.54 -0.03
N SER A 114 -0.07 30.06 0.01
CA SER A 114 -0.38 28.67 0.30
C SER A 114 -1.56 28.26 -0.56
N THR A 115 -1.58 26.99 -0.97
CA THR A 115 -2.44 26.55 -2.07
C THR A 115 -3.93 26.55 -1.72
N TYR A 116 -4.30 26.75 -0.46
CA TYR A 116 -5.71 26.90 -0.11
C TYR A 116 -6.15 28.35 -0.15
N GLU A 117 -5.23 29.30 -0.14
CA GLU A 117 -5.57 30.70 -0.37
C GLU A 117 -5.94 30.93 -1.84
N TYR A 118 -5.50 30.04 -2.74
CA TYR A 118 -5.89 30.14 -4.14
C TYR A 118 -7.38 29.88 -4.33
N LEU A 119 -7.99 29.07 -3.45
CA LEU A 119 -9.38 28.66 -3.66
C LEU A 119 -10.36 29.80 -3.45
N GLU A 120 -10.03 30.76 -2.60
CA GLU A 120 -10.87 31.95 -2.46
C GLU A 120 -10.56 33.02 -3.51
N LEU A 121 -9.57 32.79 -4.37
CA LEU A 121 -9.34 33.69 -5.49
C LEU A 121 -10.16 33.26 -6.71
N ARG A 122 -10.19 31.96 -7.00
CA ARG A 122 -10.95 31.42 -8.11
C ARG A 122 -12.42 31.22 -7.77
N PHE A 123 -12.73 30.90 -6.52
CA PHE A 123 -14.11 30.76 -6.08
C PHE A 123 -14.32 31.69 -4.88
N ASN A 124 -15.46 31.53 -4.22
CA ASN A 124 -15.76 32.39 -3.08
C ASN A 124 -14.99 31.93 -1.84
N LYS A 125 -15.07 32.73 -0.78
CA LYS A 125 -14.31 32.45 0.42
C LYS A 125 -14.88 31.28 1.23
N CYS A 126 -16.14 30.90 0.97
CA CYS A 126 -16.76 29.84 1.74
C CYS A 126 -16.17 28.47 1.40
N VAL A 127 -15.75 28.28 0.14
CA VAL A 127 -15.24 26.98 -0.26
C VAL A 127 -13.81 26.76 0.24
N ARG A 128 -13.11 27.81 0.66
CA ARG A 128 -11.80 27.62 1.27
C ARG A 128 -11.94 27.02 2.66
N LEU A 129 -12.90 27.51 3.45
CA LEU A 129 -13.25 26.86 4.70
C LEU A 129 -13.88 25.48 4.47
N CYS A 130 -14.48 25.26 3.30
CA CYS A 130 -14.89 23.93 2.89
C CYS A 130 -13.75 23.14 2.26
N GLY A 131 -12.63 23.79 1.96
CA GLY A 131 -11.49 23.11 1.37
C GLY A 131 -10.52 22.58 2.40
N THR A 132 -10.13 23.40 3.36
CA THR A 132 -9.17 22.96 4.36
C THR A 132 -9.78 22.02 5.40
N VAL A 133 -11.10 21.87 5.45
CA VAL A 133 -11.67 20.85 6.31
C VAL A 133 -11.45 19.47 5.69
N LEU A 134 -11.36 19.39 4.36
CA LEU A 134 -10.92 18.16 3.71
C LEU A 134 -9.45 17.90 3.96
N PHE A 135 -8.65 18.96 4.11
CA PHE A 135 -7.24 18.78 4.37
C PHE A 135 -6.98 18.28 5.79
N ILE A 136 -7.82 18.68 6.75
CA ILE A 136 -7.60 18.27 8.13
C ILE A 136 -7.99 16.81 8.33
N VAL A 137 -9.08 16.37 7.69
CA VAL A 137 -9.50 14.98 7.86
C VAL A 137 -8.57 14.05 7.07
N GLN A 138 -7.94 14.55 6.00
CA GLN A 138 -6.96 13.76 5.29
C GLN A 138 -5.66 13.65 6.06
N THR A 139 -5.23 14.75 6.70
CA THR A 139 -3.95 14.77 7.39
C THR A 139 -3.98 13.90 8.65
N ILE A 140 -5.01 14.06 9.49
CA ILE A 140 -5.08 13.27 10.71
C ILE A 140 -5.41 11.82 10.45
N LEU A 141 -5.89 11.48 9.25
CA LEU A 141 -6.03 10.07 8.90
C LEU A 141 -4.73 9.50 8.36
N TYR A 142 -3.89 10.32 7.73
CA TYR A 142 -2.60 9.83 7.26
C TYR A 142 -1.57 9.79 8.37
N THR A 143 -1.54 10.81 9.23
CA THR A 143 -0.52 10.85 10.27
C THR A 143 -0.80 9.89 11.41
N GLY A 144 -1.97 9.24 11.43
CA GLY A 144 -2.15 8.08 12.26
C GLY A 144 -1.47 6.84 11.72
N ILE A 145 -1.17 6.84 10.42
CA ILE A 145 -0.44 5.72 9.81
C ILE A 145 1.07 5.96 9.81
N VAL A 146 1.51 7.22 9.89
CA VAL A 146 2.93 7.47 10.09
C VAL A 146 3.34 7.13 11.51
N ILE A 147 2.40 7.13 12.45
CA ILE A 147 2.69 6.86 13.86
C ILE A 147 2.54 5.38 14.18
N TYR A 148 1.46 4.75 13.71
CA TYR A 148 1.17 3.38 14.09
C TYR A 148 2.08 2.37 13.38
N ALA A 149 2.61 2.72 12.20
CA ALA A 149 3.39 1.75 11.44
C ALA A 149 4.74 1.43 12.08
N PRO A 150 5.60 2.37 12.49
CA PRO A 150 6.84 1.95 13.14
C PRO A 150 6.64 1.47 14.57
N ALA A 151 5.53 1.83 15.20
CA ALA A 151 5.16 1.20 16.46
C ALA A 151 4.70 -0.23 16.27
N LEU A 152 4.23 -0.56 15.07
CA LEU A 152 3.94 -1.95 14.71
C LEU A 152 5.22 -2.72 14.43
N ALA A 153 6.33 -2.01 14.21
CA ALA A 153 7.64 -2.63 14.07
C ALA A 153 8.36 -2.77 15.41
N LEU A 154 8.23 -1.78 16.29
CA LEU A 154 8.87 -1.83 17.60
C LEU A 154 8.25 -2.91 18.48
N ASN A 155 6.95 -3.18 18.28
CA ASN A 155 6.30 -4.27 19.01
C ASN A 155 6.82 -5.63 18.57
N GLN A 156 7.35 -5.72 17.35
CA GLN A 156 7.84 -7.00 16.87
C GLN A 156 9.25 -7.29 17.39
N VAL A 157 10.13 -6.30 17.32
CA VAL A 157 11.53 -6.54 17.66
C VAL A 157 11.76 -6.62 19.16
N THR A 158 10.93 -5.94 19.95
CA THR A 158 11.12 -5.92 21.40
C THR A 158 10.01 -6.60 22.18
N GLY A 159 8.80 -6.68 21.64
CA GLY A 159 7.68 -7.18 22.42
C GLY A 159 7.28 -6.21 23.52
N PHE A 160 7.44 -4.91 23.28
CA PHE A 160 7.18 -3.90 24.31
C PHE A 160 5.71 -3.86 24.69
N ASP A 161 4.87 -3.28 23.81
CA ASP A 161 3.42 -3.44 23.68
C ASP A 161 2.99 -2.62 22.47
N LEU A 162 1.91 -3.03 21.78
CA LEU A 162 1.57 -2.35 20.54
C LEU A 162 0.79 -1.07 20.80
N TRP A 163 0.08 -0.99 21.92
CA TRP A 163 -0.73 0.20 22.18
C TRP A 163 0.03 1.22 23.01
N GLY A 164 1.10 0.79 23.67
CA GLY A 164 1.88 1.72 24.47
C GLY A 164 2.97 2.42 23.68
N ALA A 165 3.44 1.78 22.62
CA ALA A 165 4.48 2.41 21.79
C ALA A 165 3.88 3.49 20.90
N VAL A 166 2.57 3.42 20.64
CA VAL A 166 1.89 4.47 19.90
C VAL A 166 1.85 5.75 20.72
N VAL A 167 1.40 5.67 21.97
CA VAL A 167 1.33 6.86 22.82
C VAL A 167 2.72 7.28 23.28
N ALA A 168 3.69 6.38 23.18
CA ALA A 168 5.08 6.79 23.34
C ALA A 168 5.52 7.69 22.19
N THR A 169 5.18 7.32 20.96
CA THR A 169 5.56 8.10 19.79
C THR A 169 4.76 9.39 19.68
N GLY A 170 3.53 9.42 20.17
CA GLY A 170 2.70 10.59 20.02
C GLY A 170 3.08 11.73 20.92
N VAL A 171 3.47 11.44 22.16
CA VAL A 171 3.76 12.51 23.11
C VAL A 171 5.13 13.13 22.90
N VAL A 172 6.04 12.48 22.17
CA VAL A 172 7.33 13.10 21.92
C VAL A 172 7.27 14.05 20.73
N CYS A 173 6.24 13.98 19.90
CA CYS A 173 6.07 14.93 18.81
C CYS A 173 5.18 16.10 19.19
N THR A 174 4.23 15.90 20.10
CA THR A 174 3.42 17.01 20.58
C THR A 174 4.25 17.97 21.43
N PHE A 175 5.23 17.44 22.17
CA PHE A 175 6.18 18.28 22.87
C PHE A 175 7.34 18.71 21.99
N TYR A 176 7.41 18.22 20.75
CA TYR A 176 8.28 18.78 19.73
C TYR A 176 7.61 19.90 18.96
N CYS A 177 6.41 20.32 19.38
CA CYS A 177 5.73 21.47 18.83
C CYS A 177 6.04 22.75 19.61
N THR A 178 7.22 22.82 20.22
CA THR A 178 7.68 23.96 21.01
C THR A 178 8.65 24.82 20.22
N LEU A 179 8.35 25.03 18.93
CA LEU A 179 9.10 25.71 17.86
C LEU A 179 10.29 24.88 17.40
N GLY A 180 10.41 23.63 17.83
CA GLY A 180 11.42 22.74 17.29
C GLY A 180 10.98 22.13 15.97
N GLY A 181 9.73 21.69 15.91
CA GLY A 181 9.19 21.13 14.68
C GLY A 181 8.98 22.14 13.58
N LEU A 182 8.78 23.40 13.92
CA LEU A 182 8.65 24.44 12.90
C LEU A 182 10.01 24.79 12.34
N LYS A 183 9.99 25.47 11.18
CA LYS A 183 11.18 25.93 10.44
C LYS A 183 12.08 24.74 10.08
N ALA A 184 11.55 23.90 9.19
CA ALA A 184 12.23 22.69 8.76
C ALA A 184 13.53 23.02 8.04
N VAL A 185 14.60 22.37 8.46
CA VAL A 185 15.95 22.65 7.99
C VAL A 185 16.37 21.52 7.04
N ILE A 186 17.26 21.83 6.09
CA ILE A 186 17.84 20.82 5.22
C ILE A 186 18.60 19.76 6.03
N TRP A 187 19.26 20.17 7.12
CA TRP A 187 20.15 19.26 7.83
C TRP A 187 19.41 18.21 8.66
N THR A 188 18.14 18.44 9.00
CA THR A 188 17.34 17.37 9.59
C THR A 188 16.60 16.56 8.55
N ASP A 189 16.82 16.82 7.26
CA ASP A 189 16.24 16.03 6.19
C ASP A 189 17.26 15.19 5.44
N VAL A 190 18.53 15.61 5.42
CA VAL A 190 19.58 14.79 4.85
C VAL A 190 19.87 13.59 5.74
N PHE A 191 19.61 13.70 7.05
CA PHE A 191 19.80 12.59 7.97
C PHE A 191 18.72 11.53 7.81
N GLN A 192 17.53 11.89 7.33
CA GLN A 192 16.49 10.89 7.09
C GLN A 192 16.88 9.96 5.96
N VAL A 193 17.36 10.53 4.85
CA VAL A 193 17.86 9.72 3.75
C VAL A 193 19.19 9.07 4.14
N GLY A 194 20.02 9.79 4.91
CA GLY A 194 21.34 9.29 5.26
C GLY A 194 21.33 8.06 6.14
N ILE A 195 20.31 7.94 7.01
CA ILE A 195 20.12 6.69 7.71
C ILE A 195 19.47 5.65 6.81
N MET A 196 18.55 6.11 5.94
CA MET A 196 17.82 5.19 5.07
C MET A 196 18.68 4.64 3.96
N VAL A 197 19.72 5.36 3.54
CA VAL A 197 20.63 4.79 2.57
C VAL A 197 21.52 3.75 3.24
N ALA A 198 21.70 3.86 4.55
CA ALA A 198 22.39 2.84 5.33
C ALA A 198 21.43 1.79 5.89
N GLY A 199 20.15 2.11 6.00
CA GLY A 199 19.20 1.12 6.48
C GLY A 199 18.92 0.04 5.46
N PHE A 200 18.72 0.42 4.20
CA PHE A 200 18.52 -0.57 3.15
C PHE A 200 19.81 -1.30 2.78
N ALA A 201 20.94 -0.58 2.72
CA ALA A 201 22.20 -1.22 2.39
C ALA A 201 22.65 -2.21 3.46
N SER A 202 22.14 -2.07 4.68
CA SER A 202 22.33 -3.12 5.67
C SER A 202 21.54 -4.38 5.32
N VAL A 203 20.33 -4.21 4.81
CA VAL A 203 19.42 -5.35 4.64
C VAL A 203 19.43 -5.91 3.22
N ILE A 204 19.77 -5.10 2.21
CA ILE A 204 19.91 -5.66 0.86
C ILE A 204 21.18 -6.50 0.75
N ILE A 205 22.30 -5.97 1.23
CA ILE A 205 23.61 -6.57 0.97
C ILE A 205 23.76 -7.89 1.72
N GLN A 206 23.37 -7.91 2.98
CA GLN A 206 23.48 -9.14 3.77
C GLN A 206 22.47 -10.20 3.33
N ALA A 207 21.37 -9.80 2.69
CA ALA A 207 20.43 -10.80 2.18
C ALA A 207 20.93 -11.46 0.91
N VAL A 208 21.74 -10.77 0.12
CA VAL A 208 22.33 -11.39 -1.07
C VAL A 208 23.38 -12.43 -0.67
N VAL A 209 24.24 -12.09 0.29
CA VAL A 209 25.29 -13.01 0.71
C VAL A 209 24.74 -14.14 1.56
N MET A 210 23.54 -13.99 2.13
CA MET A 210 22.91 -15.09 2.82
C MET A 210 22.13 -16.00 1.88
N GLN A 211 21.76 -15.50 0.70
CA GLN A 211 21.05 -16.29 -0.29
C GLN A 211 21.90 -16.63 -1.51
N GLY A 212 23.11 -16.08 -1.61
CA GLY A 212 24.01 -16.46 -2.67
C GLY A 212 23.73 -15.85 -4.04
N GLY A 213 23.83 -14.55 -4.14
CA GLY A 213 23.75 -13.91 -5.45
C GLY A 213 22.39 -13.31 -5.73
N ILE A 214 22.38 -12.26 -6.55
CA ILE A 214 21.14 -11.66 -7.01
C ILE A 214 20.36 -12.63 -7.88
N SER A 215 21.07 -13.40 -8.71
CA SER A 215 20.44 -14.38 -9.59
C SER A 215 19.89 -15.60 -8.86
N THR A 216 20.01 -15.68 -7.54
CA THR A 216 19.28 -16.64 -6.72
C THR A 216 18.04 -16.03 -6.10
N ILE A 217 18.12 -14.75 -5.70
CA ILE A 217 16.95 -14.01 -5.24
C ILE A 217 15.94 -13.85 -6.37
N LEU A 218 16.43 -13.53 -7.57
CA LEU A 218 15.58 -13.41 -8.75
C LEU A 218 15.29 -14.74 -9.43
N ASN A 219 15.46 -15.86 -8.74
CA ASN A 219 15.16 -17.17 -9.29
C ASN A 219 14.09 -17.91 -8.51
N ASP A 220 14.13 -17.86 -7.18
CA ASP A 220 13.04 -18.41 -6.39
C ASP A 220 11.81 -17.51 -6.40
N ALA A 221 11.97 -16.23 -6.72
CA ALA A 221 10.82 -15.35 -6.85
C ALA A 221 10.02 -15.67 -8.11
N TYR A 222 10.70 -16.07 -9.19
CA TYR A 222 9.99 -16.46 -10.40
C TYR A 222 9.26 -17.78 -10.19
N ASP A 223 9.85 -18.69 -9.41
CA ASP A 223 9.17 -19.95 -9.12
C ASP A 223 8.01 -19.75 -8.16
N GLY A 224 8.03 -18.68 -7.37
CA GLY A 224 6.88 -18.36 -6.54
C GLY A 224 5.84 -17.53 -7.21
N GLY A 225 6.08 -17.09 -8.44
CA GLY A 225 5.13 -16.25 -9.13
C GLY A 225 5.13 -14.81 -8.67
N ARG A 226 6.16 -14.39 -7.94
CA ARG A 226 6.21 -13.05 -7.40
C ARG A 226 6.69 -12.00 -8.40
N LEU A 227 7.00 -12.38 -9.64
CA LEU A 227 7.43 -11.37 -10.61
C LEU A 227 6.25 -10.54 -11.07
N ASN A 228 5.37 -11.14 -11.89
CA ASN A 228 3.99 -10.67 -12.11
C ASN A 228 3.92 -9.27 -12.72
N PHE A 229 4.89 -8.92 -13.57
CA PHE A 229 5.05 -7.53 -13.99
C PHE A 229 3.93 -7.03 -14.89
N TRP A 230 3.30 -7.89 -15.68
CA TRP A 230 2.33 -7.46 -16.67
C TRP A 230 1.00 -8.15 -16.44
N ASN A 231 -0.06 -7.36 -16.28
CA ASN A 231 -1.41 -7.88 -16.09
C ASN A 231 -2.37 -7.48 -17.20
N PHE A 232 -2.50 -6.19 -17.48
CA PHE A 232 -3.23 -5.59 -18.60
C PHE A 232 -4.73 -5.88 -18.60
N ASN A 233 -5.29 -6.38 -17.51
CA ASN A 233 -6.71 -6.71 -17.47
C ASN A 233 -7.52 -5.43 -17.34
N PRO A 234 -8.33 -5.06 -18.34
CA PRO A 234 -8.96 -3.73 -18.34
C PRO A 234 -10.33 -3.71 -17.67
N ASN A 235 -10.38 -4.14 -16.42
CA ASN A 235 -11.60 -3.94 -15.64
C ASN A 235 -11.25 -3.33 -14.30
N PRO A 236 -12.07 -2.41 -13.80
CA PRO A 236 -11.74 -1.73 -12.54
C PRO A 236 -11.86 -2.60 -11.30
N LEU A 237 -12.54 -3.75 -11.39
CA LEU A 237 -12.79 -4.56 -10.19
C LEU A 237 -11.55 -5.30 -9.71
N GLN A 238 -10.54 -5.47 -10.56
CA GLN A 238 -9.28 -6.04 -10.11
C GLN A 238 -8.50 -5.02 -9.32
N ARG A 239 -7.73 -5.51 -8.35
CA ARG A 239 -7.01 -4.59 -7.46
C ARG A 239 -5.76 -4.03 -8.13
N HIS A 240 -4.91 -4.90 -8.68
CA HIS A 240 -3.65 -4.48 -9.30
C HIS A 240 -3.61 -4.95 -10.74
N THR A 241 -3.77 -4.03 -11.67
CA THR A 241 -3.55 -4.26 -13.08
C THR A 241 -2.43 -3.35 -13.56
N PHE A 242 -2.19 -3.33 -14.86
CA PHE A 242 -1.37 -2.28 -15.44
C PHE A 242 -2.17 -0.98 -15.55
N TRP A 243 -3.48 -1.09 -15.75
CA TRP A 243 -4.29 0.10 -15.97
C TRP A 243 -4.67 0.78 -14.67
N THR A 244 -4.81 0.03 -13.59
CA THR A 244 -5.07 0.63 -12.29
C THR A 244 -3.89 1.45 -11.82
N ILE A 245 -2.67 0.93 -11.99
CA ILE A 245 -1.49 1.63 -11.53
C ILE A 245 -1.17 2.83 -12.40
N ILE A 246 -1.44 2.75 -13.70
CA ILE A 246 -1.16 3.87 -14.59
C ILE A 246 -2.25 4.94 -14.48
N ILE A 247 -3.51 4.57 -14.70
CA ILE A 247 -4.58 5.57 -14.75
C ILE A 247 -4.99 6.00 -13.35
N GLY A 248 -5.39 5.04 -12.52
CA GLY A 248 -5.85 5.37 -11.18
C GLY A 248 -4.74 5.76 -10.23
N GLY A 249 -3.56 5.19 -10.40
CA GLY A 249 -2.45 5.53 -9.53
C GLY A 249 -1.91 6.93 -9.78
N THR A 250 -2.07 7.44 -11.01
CA THR A 250 -1.68 8.82 -11.29
C THR A 250 -2.60 9.80 -10.59
N PHE A 251 -3.91 9.52 -10.63
CA PHE A 251 -4.87 10.41 -9.99
C PHE A 251 -4.82 10.36 -8.49
N THR A 252 -4.23 9.30 -7.91
CA THR A 252 -3.99 9.26 -6.48
C THR A 252 -2.79 10.12 -6.12
N TRP A 253 -1.68 9.95 -6.82
CA TRP A 253 -0.47 10.66 -6.47
C TRP A 253 -0.44 12.10 -6.96
N THR A 254 -1.30 12.47 -7.92
CA THR A 254 -1.43 13.88 -8.27
C THR A 254 -2.09 14.67 -7.16
N SER A 255 -2.93 14.01 -6.36
CA SER A 255 -3.51 14.61 -5.17
C SER A 255 -2.50 14.85 -4.06
N ILE A 256 -1.28 14.34 -4.19
CA ILE A 256 -0.25 14.50 -3.19
C ILE A 256 0.84 15.45 -3.65
N TYR A 257 1.31 15.31 -4.89
CA TYR A 257 2.38 16.14 -5.41
C TYR A 257 1.88 17.37 -6.16
N GLY A 258 0.56 17.55 -6.27
CA GLY A 258 0.06 18.69 -7.00
C GLY A 258 -0.78 19.67 -6.21
N VAL A 259 -1.55 19.18 -5.25
CA VAL A 259 -2.50 20.03 -4.53
C VAL A 259 -2.35 19.98 -3.02
N ASN A 260 -1.66 18.99 -2.46
CA ASN A 260 -1.53 18.89 -1.01
C ASN A 260 -0.62 19.99 -0.49
N GLN A 261 -1.10 20.71 0.52
CA GLN A 261 -0.46 21.95 0.97
C GLN A 261 0.94 21.72 1.53
N SER A 262 1.18 20.54 2.12
CA SER A 262 2.51 20.24 2.63
C SER A 262 3.54 20.03 1.52
N GLN A 263 3.10 19.71 0.30
CA GLN A 263 4.02 19.47 -0.80
C GLN A 263 3.91 20.48 -1.93
N VAL A 264 3.16 21.56 -1.74
CA VAL A 264 3.21 22.72 -2.64
C VAL A 264 3.84 23.92 -1.97
N GLN A 265 3.84 23.98 -0.63
CA GLN A 265 4.52 25.03 0.11
C GLN A 265 6.02 25.04 -0.17
N ARG A 266 6.62 23.88 -0.37
CA ARG A 266 8.04 23.80 -0.71
C ARG A 266 8.28 23.77 -2.22
N TYR A 267 7.31 24.21 -3.02
CA TYR A 267 7.55 24.56 -4.41
C TYR A 267 7.61 26.06 -4.61
N ILE A 268 6.71 26.79 -3.95
CA ILE A 268 6.66 28.24 -4.05
C ILE A 268 7.86 28.85 -3.34
N SER A 269 8.35 28.21 -2.27
CA SER A 269 9.47 28.72 -1.51
C SER A 269 10.79 28.68 -2.28
N CYS A 270 10.87 27.86 -3.33
CA CYS A 270 12.03 27.90 -4.21
C CYS A 270 12.02 29.21 -5.01
N LYS A 271 13.22 29.71 -5.34
CA LYS A 271 13.31 31.07 -5.85
C LYS A 271 12.96 31.15 -7.34
N SER A 272 13.71 30.45 -8.19
CA SER A 272 13.51 30.52 -9.63
C SER A 272 12.44 29.53 -10.05
N ARG A 273 11.62 29.92 -11.03
CA ARG A 273 10.53 29.07 -11.49
C ARG A 273 11.06 27.83 -12.22
N PHE A 274 12.17 27.96 -12.93
CA PHE A 274 12.78 26.79 -13.58
C PHE A 274 13.38 25.84 -12.56
N GLN A 275 13.89 26.36 -11.45
CA GLN A 275 14.47 25.50 -10.43
C GLN A 275 13.38 24.73 -9.68
N ALA A 276 12.27 25.39 -9.36
CA ALA A 276 11.16 24.72 -8.68
C ALA A 276 10.55 23.61 -9.53
N LYS A 277 10.55 23.79 -10.85
CA LYS A 277 10.18 22.70 -11.73
C LYS A 277 11.21 21.58 -11.69
N LEU A 278 12.49 21.93 -11.56
CA LEU A 278 13.54 20.92 -11.56
C LEU A 278 13.56 20.11 -10.27
N SER A 279 13.15 20.72 -9.15
CA SER A 279 13.11 20.01 -7.88
C SER A 279 12.07 18.89 -7.91
N LEU A 280 10.98 19.10 -8.64
CA LEU A 280 10.03 18.03 -8.87
C LEU A 280 10.57 16.97 -9.81
N TYR A 281 11.60 17.29 -10.60
CA TYR A 281 12.19 16.31 -11.50
C TYR A 281 13.44 15.66 -10.95
N ILE A 282 13.94 16.11 -9.81
CA ILE A 282 15.11 15.48 -9.20
C ILE A 282 14.69 14.33 -8.29
N ASN A 283 13.63 14.51 -7.50
CA ASN A 283 13.16 13.44 -6.63
C ASN A 283 12.47 12.31 -7.37
N LEU A 284 12.16 12.50 -8.66
CA LEU A 284 11.74 11.39 -9.49
C LEU A 284 12.80 10.29 -9.56
N VAL A 285 14.07 10.69 -9.53
CA VAL A 285 15.16 9.72 -9.34
C VAL A 285 15.10 9.14 -7.93
N GLY A 286 14.82 9.99 -6.94
CA GLY A 286 14.77 9.51 -5.56
C GLY A 286 13.58 8.61 -5.28
N LEU A 287 12.43 8.92 -5.88
CA LEU A 287 11.30 7.99 -5.81
C LEU A 287 11.57 6.70 -6.55
N TRP A 288 12.36 6.76 -7.63
CA TRP A 288 12.75 5.52 -8.30
C TRP A 288 13.79 4.76 -7.50
N ALA A 289 14.49 5.41 -6.57
CA ALA A 289 15.46 4.72 -5.74
C ALA A 289 14.78 3.97 -4.60
N ILE A 290 13.86 4.63 -3.90
CA ILE A 290 13.19 4.01 -2.76
C ILE A 290 12.23 2.92 -3.24
N LEU A 291 11.69 3.05 -4.44
CA LEU A 291 10.84 2.00 -4.99
C LEU A 291 11.66 0.77 -5.37
N THR A 292 12.81 0.98 -6.01
CA THR A 292 13.64 -0.15 -6.41
C THR A 292 14.30 -0.81 -5.21
N CYS A 293 14.70 -0.01 -4.21
CA CYS A 293 15.36 -0.58 -3.05
C CYS A 293 14.38 -1.16 -2.03
N SER A 294 13.08 -1.07 -2.28
CA SER A 294 12.10 -1.73 -1.42
C SER A 294 11.33 -2.85 -2.12
N VAL A 295 11.19 -2.78 -3.44
CA VAL A 295 10.72 -3.93 -4.20
C VAL A 295 11.73 -5.07 -4.11
N PHE A 296 13.02 -4.74 -4.20
CA PHE A 296 14.05 -5.76 -4.12
C PHE A 296 14.19 -6.33 -2.70
N CYS A 297 13.83 -5.55 -1.68
CA CYS A 297 13.70 -6.14 -0.36
C CYS A 297 12.50 -7.06 -0.28
N GLY A 298 11.46 -6.80 -1.07
CA GLY A 298 10.31 -7.69 -1.08
C GLY A 298 10.61 -9.01 -1.76
N LEU A 299 11.43 -8.99 -2.80
CA LEU A 299 11.86 -10.23 -3.43
C LEU A 299 12.91 -10.95 -2.59
N ALA A 300 13.72 -10.21 -1.84
CA ALA A 300 14.62 -10.83 -0.87
C ALA A 300 13.84 -11.47 0.27
N LEU A 301 12.70 -10.88 0.65
CA LEU A 301 11.90 -11.41 1.73
C LEU A 301 11.17 -12.68 1.34
N TYR A 302 10.95 -12.91 0.05
CA TYR A 302 10.29 -14.15 -0.35
C TYR A 302 11.27 -15.31 -0.46
N SER A 303 12.45 -15.07 -1.02
CA SER A 303 13.42 -16.14 -1.21
C SER A 303 13.99 -16.63 0.11
N ARG A 304 13.97 -15.80 1.15
CA ARG A 304 14.34 -16.28 2.48
C ARG A 304 13.24 -17.15 3.09
N TYR A 305 11.98 -16.88 2.76
CA TYR A 305 10.85 -17.50 3.43
C TYR A 305 9.90 -18.16 2.45
N HIS A 306 10.42 -18.80 1.41
CA HIS A 306 9.57 -19.56 0.50
C HIS A 306 9.36 -20.99 0.98
N ASP A 307 9.76 -21.31 2.19
CA ASP A 307 9.52 -22.60 2.82
C ASP A 307 8.69 -22.49 4.09
N CYS A 308 9.01 -21.52 4.95
CA CYS A 308 8.26 -21.25 6.17
C CYS A 308 8.08 -19.74 6.23
N ASP A 309 6.88 -19.27 5.89
CA ASP A 309 6.59 -17.85 6.00
C ASP A 309 6.51 -17.44 7.47
N PRO A 310 6.76 -16.17 7.77
CA PRO A 310 6.56 -15.73 9.16
C PRO A 310 5.11 -15.58 9.56
N TRP A 311 4.18 -15.48 8.61
CA TRP A 311 2.80 -15.78 8.93
C TRP A 311 2.61 -17.29 9.08
N THR A 312 1.46 -17.66 9.64
CA THR A 312 0.91 -19.03 9.70
C THR A 312 1.71 -20.02 10.54
N ALA A 313 2.92 -19.61 10.87
CA ALA A 313 3.90 -20.35 11.65
C ALA A 313 4.99 -19.34 11.97
N LYS A 314 5.54 -19.40 13.20
CA LYS A 314 6.55 -18.41 13.67
C LYS A 314 5.96 -17.03 13.46
N LYS A 315 4.76 -16.85 13.99
CA LYS A 315 3.96 -15.68 13.71
C LYS A 315 4.42 -14.28 14.08
N VAL A 316 3.97 -13.39 13.23
CA VAL A 316 4.12 -11.97 13.32
C VAL A 316 2.65 -11.56 13.16
N SER A 317 2.17 -10.76 14.10
CA SER A 317 0.77 -10.36 14.16
C SER A 317 0.29 -9.81 12.82
N ALA A 318 0.87 -8.76 12.38
CA ALA A 318 0.52 -7.94 11.25
C ALA A 318 1.31 -8.36 10.01
N PRO A 319 0.84 -8.04 8.80
CA PRO A 319 1.71 -8.22 7.63
C PRO A 319 2.89 -7.27 7.61
N ASP A 320 2.79 -6.12 8.25
CA ASP A 320 3.87 -5.13 8.26
C ASP A 320 4.97 -5.46 9.25
N GLN A 321 4.89 -6.60 9.92
CA GLN A 321 5.99 -7.11 10.73
C GLN A 321 6.80 -8.14 9.98
N LEU A 322 6.94 -7.97 8.66
CA LEU A 322 7.71 -8.89 7.85
C LEU A 322 9.09 -8.35 7.54
N MET A 323 9.25 -7.04 7.54
CA MET A 323 10.58 -6.44 7.42
C MET A 323 11.37 -6.46 8.73
N PRO A 324 10.83 -6.07 9.90
CA PRO A 324 11.66 -6.19 11.11
C PRO A 324 11.85 -7.62 11.58
N TYR A 325 11.04 -8.57 11.12
CA TYR A 325 11.34 -9.96 11.41
C TYR A 325 12.50 -10.47 10.58
N LEU A 326 12.67 -9.92 9.37
CA LEU A 326 13.78 -10.35 8.53
C LEU A 326 15.12 -9.83 9.07
N VAL A 327 15.11 -8.61 9.61
CA VAL A 327 16.35 -7.93 9.98
C VAL A 327 16.99 -8.61 11.20
N LEU A 328 16.20 -8.96 12.22
CA LEU A 328 16.76 -9.72 13.32
C LEU A 328 17.04 -11.17 12.96
N ASP A 329 16.55 -11.66 11.81
CA ASP A 329 16.89 -12.99 11.33
C ASP A 329 18.15 -13.00 10.49
N ILE A 330 18.45 -11.91 9.79
CA ILE A 330 19.61 -11.84 8.92
C ILE A 330 20.79 -11.17 9.62
N LEU A 331 20.56 -10.07 10.33
CA LEU A 331 21.61 -9.36 11.04
C LEU A 331 21.72 -9.77 12.50
N GLN A 332 21.43 -11.04 12.81
CA GLN A 332 21.51 -11.50 14.20
C GLN A 332 22.96 -11.62 14.66
N ASP A 333 23.84 -12.08 13.79
CA ASP A 333 25.26 -12.20 14.11
C ASP A 333 26.02 -10.88 14.01
N TYR A 334 25.40 -9.84 13.45
CA TYR A 334 26.01 -8.51 13.40
C TYR A 334 25.35 -7.65 14.45
N PRO A 335 25.98 -7.40 15.59
CA PRO A 335 25.39 -6.47 16.55
C PRO A 335 25.58 -5.02 16.10
N GLY A 336 24.59 -4.20 16.45
CA GLY A 336 24.62 -2.80 16.07
C GLY A 336 23.73 -2.47 14.89
N LEU A 337 23.70 -3.36 13.90
CA LEU A 337 22.97 -3.15 12.65
C LEU A 337 21.45 -3.36 12.71
N PRO A 338 20.87 -4.33 13.45
CA PRO A 338 19.40 -4.37 13.54
C PRO A 338 18.77 -3.19 14.26
N GLY A 339 19.54 -2.47 15.08
CA GLY A 339 19.03 -1.22 15.60
C GLY A 339 18.96 -0.13 14.56
N LEU A 340 19.74 -0.25 13.49
CA LEU A 340 19.72 0.76 12.44
C LEU A 340 18.47 0.66 11.59
N PHE A 341 17.90 -0.54 11.44
CA PHE A 341 16.69 -0.67 10.64
C PHE A 341 15.47 -0.15 11.38
N VAL A 342 15.43 -0.31 12.70
CA VAL A 342 14.34 0.27 13.47
C VAL A 342 14.53 1.78 13.59
N ALA A 343 15.76 2.25 13.39
CA ALA A 343 16.02 3.68 13.38
C ALA A 343 15.46 4.35 12.13
N CYS A 344 15.67 3.74 10.96
CA CYS A 344 15.25 4.42 9.71
C CYS A 344 13.74 4.34 9.53
N ALA A 345 13.09 3.38 10.18
CA ALA A 345 11.64 3.42 10.26
C ALA A 345 11.18 4.54 11.17
N TYR A 346 11.88 4.73 12.30
CA TYR A 346 11.54 5.80 13.24
C TYR A 346 12.07 7.16 12.82
N SER A 347 13.03 7.23 11.91
CA SER A 347 13.62 8.51 11.54
C SER A 347 12.66 9.38 10.76
N GLY A 348 11.79 8.77 9.94
CA GLY A 348 10.88 9.55 9.13
C GLY A 348 9.78 10.22 9.93
N THR A 349 9.39 9.63 11.06
CA THR A 349 8.20 10.10 11.77
C THR A 349 8.45 11.39 12.54
N LEU A 350 9.64 11.56 13.11
CA LEU A 350 9.90 12.75 13.91
C LEU A 350 9.97 14.03 13.07
N SER A 351 10.29 13.91 11.78
CA SER A 351 10.19 15.06 10.90
C SER A 351 8.80 15.20 10.32
N THR A 352 8.11 14.09 10.06
CA THR A 352 6.81 14.13 9.42
C THR A 352 5.73 14.62 10.38
N VAL A 353 5.58 13.93 11.51
CA VAL A 353 4.43 14.13 12.40
C VAL A 353 4.45 15.52 13.05
N SER A 354 5.63 16.00 13.41
CA SER A 354 5.75 17.35 13.98
C SER A 354 5.43 18.41 12.94
N SER A 355 5.88 18.20 11.69
CA SER A 355 5.46 19.07 10.61
C SER A 355 4.00 18.85 10.25
N SER A 356 3.50 17.63 10.45
CA SER A 356 2.09 17.34 10.18
C SER A 356 1.19 18.04 11.19
N ILE A 357 1.63 18.13 12.45
CA ILE A 357 0.83 18.81 13.47
C ILE A 357 0.92 20.31 13.30
N ASN A 358 2.11 20.86 13.02
CA ASN A 358 2.25 22.29 12.83
C ASN A 358 1.63 22.77 11.52
N ALA A 359 1.44 21.89 10.55
CA ALA A 359 0.62 22.25 9.40
C ALA A 359 -0.85 22.36 9.80
N LEU A 360 -1.29 21.51 10.71
CA LEU A 360 -2.65 21.59 11.23
C LEU A 360 -2.83 22.71 12.24
N ALA A 361 -1.74 23.21 12.83
CA ALA A 361 -1.86 24.22 13.88
C ALA A 361 -2.09 25.61 13.29
N ALA A 362 -1.18 26.05 12.42
CA ALA A 362 -1.24 27.43 11.92
C ALA A 362 -2.39 27.64 10.95
N VAL A 363 -2.84 26.58 10.27
CA VAL A 363 -3.97 26.70 9.37
C VAL A 363 -5.27 26.83 10.16
N THR A 364 -5.38 26.11 11.27
CA THR A 364 -6.61 26.16 12.08
C THR A 364 -6.76 27.50 12.78
N VAL A 365 -5.68 28.04 13.34
CA VAL A 365 -5.77 29.34 14.00
C VAL A 365 -5.88 30.49 13.01
N GLU A 366 -5.47 30.29 11.74
CA GLU A 366 -5.80 31.25 10.70
C GLU A 366 -7.25 31.10 10.26
N ASP A 367 -7.77 29.88 10.30
CA ASP A 367 -9.18 29.64 10.00
C ASP A 367 -10.09 30.17 11.10
N LEU A 368 -9.67 30.05 12.36
CA LEU A 368 -10.56 30.28 13.49
C LEU A 368 -10.80 31.76 13.79
N ILE A 369 -9.83 32.64 13.54
CA ILE A 369 -9.89 34.01 14.04
C ILE A 369 -10.96 34.84 13.35
N LYS A 370 -11.27 34.52 12.09
CA LYS A 370 -12.19 35.35 11.33
C LYS A 370 -13.67 35.17 11.72
N PRO A 371 -14.18 33.98 12.05
CA PRO A 371 -15.50 33.93 12.70
C PRO A 371 -15.48 34.11 14.20
N TYR A 372 -14.33 34.36 14.81
CA TYR A 372 -14.21 34.51 16.26
C TYR A 372 -14.39 35.98 16.61
N PHE A 373 -14.10 36.36 17.86
CA PHE A 373 -14.13 37.75 18.29
C PHE A 373 -13.12 38.60 17.53
N ARG A 374 -11.99 38.00 17.13
CA ARG A 374 -10.94 38.51 16.24
C ARG A 374 -10.15 39.67 16.83
N SER A 375 -10.39 40.08 18.08
CA SER A 375 -9.65 41.15 18.71
C SER A 375 -8.92 40.73 19.98
N LEU A 376 -8.63 39.44 20.16
CA LEU A 376 -7.90 38.98 21.32
C LEU A 376 -6.44 39.38 21.23
N SER A 377 -5.72 39.28 22.35
CA SER A 377 -4.34 39.75 22.41
C SER A 377 -3.42 38.63 21.96
N GLU A 378 -2.14 38.97 21.74
CA GLU A 378 -1.16 38.00 21.27
C GLU A 378 -0.82 36.95 22.31
N ARG A 379 -1.08 37.20 23.59
CA ARG A 379 -0.93 36.20 24.65
C ARG A 379 -1.87 35.03 24.49
N SER A 380 -3.14 35.29 24.14
CA SER A 380 -4.08 34.20 23.91
C SER A 380 -3.84 33.54 22.56
N LEU A 381 -3.39 34.32 21.56
CA LEU A 381 -3.13 33.75 20.24
C LEU A 381 -1.89 32.87 20.24
N SER A 382 -0.87 33.23 21.01
CA SER A 382 0.28 32.33 21.16
C SER A 382 -0.07 31.14 22.04
N TRP A 383 -1.06 31.30 22.92
CA TRP A 383 -1.53 30.18 23.73
C TRP A 383 -2.36 29.21 22.89
N ILE A 384 -3.22 29.74 22.02
CA ILE A 384 -4.08 28.87 21.22
C ILE A 384 -3.31 28.20 20.09
N SER A 385 -2.12 28.70 19.73
CA SER A 385 -1.28 28.00 18.76
C SER A 385 -0.72 26.73 19.35
N GLN A 386 -0.46 26.73 20.67
CA GLN A 386 -0.13 25.52 21.39
C GLN A 386 -1.32 24.94 22.13
N GLY A 387 -2.48 25.58 22.04
CA GLY A 387 -3.69 25.04 22.63
C GLY A 387 -4.27 23.92 21.78
N MET A 388 -4.42 24.19 20.48
CA MET A 388 -4.95 23.18 19.56
C MET A 388 -3.91 22.17 19.15
N SER A 389 -2.62 22.45 19.36
CA SER A 389 -1.57 21.50 18.99
C SER A 389 -1.60 20.26 19.88
N VAL A 390 -2.01 20.41 21.14
CA VAL A 390 -2.18 19.25 22.00
C VAL A 390 -3.49 18.54 21.68
N VAL A 391 -4.48 19.28 21.17
CA VAL A 391 -5.76 18.68 20.82
C VAL A 391 -5.63 17.79 19.59
N TYR A 392 -4.91 18.28 18.57
CA TYR A 392 -4.71 17.48 17.36
C TYR A 392 -3.82 16.28 17.60
N GLY A 393 -2.87 16.39 18.53
CA GLY A 393 -2.04 15.25 18.89
C GLY A 393 -2.82 14.15 19.58
N ALA A 394 -3.90 14.50 20.27
CA ALA A 394 -4.84 13.49 20.75
C ALA A 394 -5.62 12.89 19.59
N LEU A 395 -5.99 13.72 18.61
CA LEU A 395 -6.61 13.19 17.39
C LEU A 395 -5.61 12.45 16.53
N CYS A 396 -4.32 12.79 16.64
CA CYS A 396 -3.28 11.98 16.02
C CYS A 396 -3.19 10.61 16.67
N ILE A 397 -3.25 10.57 18.01
CA ILE A 397 -3.23 9.31 18.73
C ILE A 397 -4.53 8.56 18.54
N GLY A 398 -5.66 9.27 18.56
CA GLY A 398 -6.96 8.63 18.45
C GLY A 398 -7.20 8.00 17.08
N MET A 399 -6.70 8.64 16.02
CA MET A 399 -6.77 8.02 14.71
C MET A 399 -5.73 6.92 14.56
N ALA A 400 -4.66 6.96 15.34
CA ALA A 400 -3.68 5.89 15.30
C ALA A 400 -4.21 4.62 15.93
N ALA A 401 -5.13 4.74 16.88
CA ALA A 401 -5.79 3.56 17.42
C ALA A 401 -6.81 3.00 16.44
N LEU A 402 -7.35 3.85 15.56
CA LEU A 402 -8.20 3.37 14.48
C LEU A 402 -7.39 2.61 13.45
N ALA A 403 -6.14 2.99 13.24
CA ALA A 403 -5.30 2.36 12.22
C ALA A 403 -4.80 0.98 12.61
N SER A 404 -5.15 0.47 13.79
CA SER A 404 -4.97 -0.96 14.06
C SER A 404 -5.94 -1.80 13.23
N LEU A 405 -7.04 -1.21 12.80
CA LEU A 405 -7.91 -1.73 11.75
C LEU A 405 -7.35 -1.29 10.40
N MET A 406 -8.17 -1.35 9.34
CA MET A 406 -7.95 -0.84 7.99
C MET A 406 -6.97 -1.67 7.18
N GLY A 407 -6.35 -2.69 7.77
CA GLY A 407 -5.64 -3.67 6.98
C GLY A 407 -4.15 -3.49 6.79
N ALA A 408 -3.73 -3.39 5.53
CA ALA A 408 -2.35 -3.63 5.14
C ALA A 408 -1.43 -2.44 5.37
N LEU A 409 -1.98 -1.27 5.70
CA LEU A 409 -1.25 -0.03 5.99
C LEU A 409 -0.37 0.47 4.85
N LEU A 410 -0.61 0.02 3.62
CA LEU A 410 -0.18 0.74 2.43
C LEU A 410 -1.41 0.86 1.55
N GLN A 411 -2.24 -0.18 1.59
CA GLN A 411 -3.59 -0.11 1.04
C GLN A 411 -4.42 0.93 1.75
N ALA A 412 -4.20 1.12 3.05
CA ALA A 412 -4.92 2.13 3.81
C ALA A 412 -4.29 3.51 3.74
N ALA A 413 -3.00 3.60 3.41
CA ALA A 413 -2.38 4.91 3.29
C ALA A 413 -2.69 5.56 1.95
N LEU A 414 -2.95 4.76 0.92
CA LEU A 414 -3.33 5.29 -0.38
C LEU A 414 -4.83 5.40 -0.56
N SER A 415 -5.62 4.73 0.29
CA SER A 415 -7.06 4.93 0.24
C SER A 415 -7.45 6.29 0.79
N VAL A 416 -6.89 6.66 1.95
CA VAL A 416 -7.21 7.95 2.55
C VAL A 416 -6.57 9.12 1.82
N PHE A 417 -5.65 8.86 0.89
CA PHE A 417 -5.28 9.87 -0.08
C PHE A 417 -6.29 9.92 -1.22
N GLY A 418 -6.83 8.78 -1.60
CA GLY A 418 -7.76 8.72 -2.71
C GLY A 418 -9.18 9.06 -2.33
N MET A 419 -9.66 8.51 -1.21
CA MET A 419 -11.06 8.67 -0.85
C MET A 419 -11.36 10.03 -0.22
N VAL A 420 -10.35 10.78 0.19
CA VAL A 420 -10.59 12.10 0.79
C VAL A 420 -9.92 13.16 -0.05
N GLY A 421 -8.61 13.02 -0.27
CA GLY A 421 -7.86 13.97 -1.08
C GLY A 421 -8.09 13.89 -2.57
N GLY A 422 -8.89 12.94 -3.03
CA GLY A 422 -9.26 12.83 -4.42
C GLY A 422 -10.16 13.95 -4.89
N PRO A 423 -11.35 14.09 -4.29
CA PRO A 423 -12.22 15.22 -4.63
C PRO A 423 -11.65 16.60 -4.32
N LEU A 424 -10.72 16.70 -3.36
CA LEU A 424 -10.02 17.96 -3.12
C LEU A 424 -9.15 18.33 -4.32
N MET A 425 -8.58 17.35 -5.00
CA MET A 425 -7.86 17.61 -6.25
C MET A 425 -8.81 17.97 -7.38
N GLY A 426 -10.10 17.62 -7.25
CA GLY A 426 -11.05 17.95 -8.30
C GLY A 426 -11.38 19.43 -8.38
N LEU A 427 -11.35 20.13 -7.25
CA LEU A 427 -11.58 21.58 -7.25
C LEU A 427 -10.49 22.31 -8.00
N PHE A 428 -9.23 21.93 -7.77
CA PHE A 428 -8.12 22.55 -8.48
C PHE A 428 -8.11 22.15 -9.95
N ALA A 429 -8.67 20.99 -10.28
CA ALA A 429 -8.88 20.65 -11.68
C ALA A 429 -10.04 21.44 -12.26
N LEU A 430 -11.08 21.67 -11.46
CA LEU A 430 -12.22 22.46 -11.93
C LEU A 430 -11.87 23.94 -12.00
N GLY A 431 -11.01 24.41 -11.11
CA GLY A 431 -10.64 25.81 -11.10
C GLY A 431 -9.68 26.19 -12.21
N ILE A 432 -8.67 25.38 -12.45
CA ILE A 432 -7.61 25.75 -13.38
C ILE A 432 -8.05 25.53 -14.82
N LEU A 433 -8.48 24.31 -15.14
CA LEU A 433 -8.76 23.97 -16.53
C LEU A 433 -10.07 24.57 -17.02
N VAL A 434 -11.16 24.35 -16.29
CA VAL A 434 -12.48 24.83 -16.70
C VAL A 434 -12.57 26.33 -16.45
N PRO A 435 -12.74 27.14 -17.50
CA PRO A 435 -12.75 28.60 -17.30
C PRO A 435 -14.07 29.15 -16.80
N PHE A 436 -15.13 28.35 -16.80
CA PHE A 436 -16.46 28.83 -16.40
C PHE A 436 -16.96 28.11 -15.14
N ALA A 437 -16.05 27.83 -14.21
CA ALA A 437 -16.41 27.15 -12.97
C ALA A 437 -17.09 28.14 -12.05
N ASN A 438 -18.42 28.04 -11.95
CA ASN A 438 -19.16 28.87 -11.00
C ASN A 438 -18.89 28.38 -9.59
N SER A 439 -18.80 29.34 -8.67
CA SER A 439 -18.40 29.02 -7.30
C SER A 439 -19.49 28.26 -6.56
N ILE A 440 -20.75 28.48 -6.95
CA ILE A 440 -21.84 27.71 -6.34
C ILE A 440 -21.91 26.32 -6.97
N GLY A 441 -21.27 26.13 -8.12
CA GLY A 441 -21.22 24.81 -8.71
C GLY A 441 -20.15 23.94 -8.08
N ALA A 442 -19.04 24.54 -7.67
CA ALA A 442 -17.94 23.78 -7.09
C ALA A 442 -18.25 23.32 -5.68
N LEU A 443 -19.07 24.09 -4.95
CA LEU A 443 -19.37 23.74 -3.56
C LEU A 443 -20.29 22.53 -3.50
N VAL A 444 -21.25 22.44 -4.42
CA VAL A 444 -22.09 21.25 -4.47
C VAL A 444 -21.41 20.17 -5.32
N GLY A 445 -20.41 20.58 -6.11
CA GLY A 445 -19.61 19.59 -6.82
C GLY A 445 -18.67 18.86 -5.89
N LEU A 446 -18.12 19.58 -4.90
CA LEU A 446 -17.20 18.96 -3.94
C LEU A 446 -17.92 17.99 -3.04
N MET A 447 -19.07 18.39 -2.49
CA MET A 447 -19.75 17.54 -1.52
C MET A 447 -20.44 16.36 -2.19
N ALA A 448 -20.68 16.46 -3.50
CA ALA A 448 -21.14 15.29 -4.24
C ALA A 448 -19.98 14.32 -4.47
N GLY A 449 -18.81 14.84 -4.82
CA GLY A 449 -17.66 13.98 -5.07
C GLY A 449 -17.12 13.37 -3.80
N PHE A 450 -17.11 14.14 -2.71
CA PHE A 450 -16.68 13.62 -1.41
C PHE A 450 -17.63 12.56 -0.88
N ALA A 451 -18.90 12.57 -1.29
CA ALA A 451 -19.86 11.57 -0.87
C ALA A 451 -19.73 10.27 -1.65
N ILE A 452 -19.42 10.36 -2.94
CA ILE A 452 -19.26 9.15 -3.75
C ILE A 452 -17.98 8.43 -3.37
N SER A 453 -16.91 9.17 -3.09
CA SER A 453 -15.65 8.54 -2.72
C SER A 453 -15.73 7.92 -1.33
N LEU A 454 -16.37 8.61 -0.38
CA LEU A 454 -16.58 8.01 0.95
C LEU A 454 -17.58 6.87 0.93
N TRP A 455 -18.44 6.79 -0.07
CA TRP A 455 -19.33 5.64 -0.20
C TRP A 455 -18.55 4.41 -0.62
N VAL A 456 -17.72 4.54 -1.67
CA VAL A 456 -16.93 3.40 -2.11
C VAL A 456 -15.71 3.20 -1.22
N GLY A 457 -15.27 4.24 -0.51
CA GLY A 457 -14.06 4.12 0.28
C GLY A 457 -14.27 3.37 1.58
N ILE A 458 -15.45 3.52 2.19
CA ILE A 458 -15.77 2.79 3.40
C ILE A 458 -16.41 1.45 3.07
N GLY A 459 -17.07 1.35 1.91
CA GLY A 459 -17.65 0.09 1.50
C GLY A 459 -16.62 -0.99 1.22
N ALA A 460 -15.43 -0.60 0.77
CA ALA A 460 -14.36 -1.57 0.59
C ALA A 460 -13.70 -1.92 1.92
N GLN A 461 -13.57 -0.94 2.82
CA GLN A 461 -12.94 -1.20 4.11
C GLN A 461 -13.89 -1.80 5.14
N ILE A 462 -15.18 -1.89 4.84
CA ILE A 462 -16.11 -2.68 5.64
C ILE A 462 -16.23 -4.09 5.08
N TYR A 463 -16.49 -4.20 3.78
CA TYR A 463 -16.51 -5.48 3.09
C TYR A 463 -15.35 -5.51 2.11
N PRO A 464 -14.32 -6.31 2.35
CA PRO A 464 -13.15 -6.33 1.46
C PRO A 464 -13.48 -7.03 0.16
N PRO A 465 -12.68 -6.83 -0.89
CA PRO A 465 -12.88 -7.58 -2.12
C PRO A 465 -12.50 -9.04 -1.94
N LEU A 466 -13.15 -9.89 -2.72
CA LEU A 466 -12.85 -11.31 -2.70
C LEU A 466 -11.45 -11.56 -3.26
N PRO A 467 -10.78 -12.65 -2.85
CA PRO A 467 -9.42 -12.91 -3.35
C PRO A 467 -9.33 -13.23 -4.84
N GLU A 468 -10.45 -13.44 -5.53
CA GLU A 468 -10.42 -13.52 -6.98
C GLU A 468 -10.24 -12.16 -7.64
N ARG A 469 -10.42 -11.06 -6.91
CA ARG A 469 -10.20 -9.72 -7.43
C ARG A 469 -8.94 -9.05 -6.91
N THR A 470 -8.47 -9.42 -5.71
CA THR A 470 -7.24 -8.85 -5.19
C THR A 470 -6.00 -9.60 -5.65
N LEU A 471 -6.16 -10.86 -6.04
CA LEU A 471 -5.13 -11.82 -6.46
C LEU A 471 -3.96 -11.91 -5.49
N PRO A 472 -4.13 -12.50 -4.30
CA PRO A 472 -2.98 -12.70 -3.42
C PRO A 472 -2.28 -14.02 -3.72
N LEU A 473 -0.98 -14.03 -3.50
CA LEU A 473 -0.15 -15.16 -3.90
C LEU A 473 0.06 -16.12 -2.74
N HIS A 474 0.67 -17.26 -3.06
CA HIS A 474 0.81 -18.38 -2.13
C HIS A 474 1.81 -18.02 -1.03
N LEU A 475 1.71 -18.74 0.10
CA LEU A 475 2.56 -18.47 1.24
C LEU A 475 3.26 -19.68 1.84
N ASP A 476 2.81 -20.91 1.55
CA ASP A 476 3.57 -22.15 1.73
C ASP A 476 3.93 -22.43 3.20
N ILE A 477 2.90 -22.81 3.95
CA ILE A 477 3.04 -23.20 5.35
C ILE A 477 3.87 -24.46 5.57
N GLN A 478 4.22 -25.20 4.52
CA GLN A 478 4.58 -26.61 4.64
C GLN A 478 5.99 -26.82 5.19
N GLY A 479 7.01 -26.36 4.47
CA GLY A 479 8.38 -26.77 4.76
C GLY A 479 9.06 -26.09 5.93
N CYS A 480 8.38 -26.06 7.07
CA CYS A 480 8.88 -25.34 8.25
C CYS A 480 9.32 -26.37 9.28
N ASN A 481 10.62 -26.67 9.30
CA ASN A 481 11.16 -27.67 10.21
C ASN A 481 11.20 -27.15 11.64
N VAL A 507 -27.69 -15.29 2.16
CA VAL A 507 -26.51 -15.01 1.35
C VAL A 507 -25.67 -13.93 2.01
N GLN A 508 -24.37 -13.96 1.76
CA GLN A 508 -23.44 -12.97 2.32
C GLN A 508 -23.22 -11.90 1.25
N ARG A 509 -22.86 -12.26 0.03
CA ARG A 509 -22.57 -11.26 -0.98
C ARG A 509 -23.83 -10.78 -1.68
N THR A 510 -23.96 -9.46 -1.80
CA THR A 510 -25.06 -8.82 -2.52
C THR A 510 -24.44 -8.08 -3.70
N PRO A 511 -25.16 -7.97 -4.84
CA PRO A 511 -24.55 -7.43 -6.08
C PRO A 511 -24.04 -5.99 -6.04
N LEU A 512 -24.34 -5.22 -5.01
CA LEU A 512 -23.64 -3.96 -4.84
C LEU A 512 -22.30 -4.16 -4.14
N MET A 513 -22.25 -5.13 -3.22
CA MET A 513 -21.04 -5.42 -2.47
C MET A 513 -19.98 -6.08 -3.32
N ASP A 514 -20.36 -6.67 -4.45
CA ASP A 514 -19.48 -7.43 -5.32
C ASP A 514 -19.07 -6.62 -6.55
N ASN A 515 -19.94 -5.74 -7.03
CA ASN A 515 -19.65 -5.08 -8.31
C ASN A 515 -19.25 -3.63 -8.12
N TRP A 516 -19.40 -3.08 -6.92
CA TRP A 516 -18.89 -1.72 -6.75
C TRP A 516 -18.02 -1.55 -5.53
N TYR A 517 -18.25 -2.35 -4.48
CA TYR A 517 -17.39 -2.27 -3.31
C TYR A 517 -16.08 -2.99 -3.54
N SER A 518 -16.01 -3.81 -4.58
CA SER A 518 -14.77 -4.40 -5.05
C SER A 518 -14.06 -3.53 -6.03
N LEU A 519 -14.31 -2.22 -6.04
CA LEU A 519 -13.51 -1.31 -6.85
C LEU A 519 -12.07 -1.30 -6.36
N SER A 520 -11.15 -0.99 -7.26
CA SER A 520 -9.74 -0.97 -6.91
C SER A 520 -9.43 0.20 -5.97
N TYR A 521 -8.52 -0.04 -5.03
CA TYR A 521 -8.19 0.98 -4.04
C TYR A 521 -7.38 2.13 -4.61
N LEU A 522 -6.86 2.00 -5.82
CA LEU A 522 -6.25 3.13 -6.51
C LEU A 522 -7.24 3.88 -7.38
N TYR A 523 -8.49 3.44 -7.44
CA TYR A 523 -9.54 4.14 -8.16
C TYR A 523 -10.43 4.98 -7.26
N PHE A 524 -10.16 5.05 -5.96
CA PHE A 524 -11.00 5.85 -5.07
C PHE A 524 -10.81 7.35 -5.28
N SER A 525 -9.78 7.76 -6.02
CA SER A 525 -9.63 9.14 -6.42
C SER A 525 -10.03 9.39 -7.86
N THR A 526 -9.96 8.37 -8.71
CA THR A 526 -10.49 8.52 -10.06
C THR A 526 -12.00 8.61 -10.04
N VAL A 527 -12.66 7.76 -9.24
CA VAL A 527 -14.11 7.87 -9.07
C VAL A 527 -14.48 9.05 -8.19
N GLY A 528 -13.52 9.71 -7.57
CA GLY A 528 -13.78 10.94 -6.86
C GLY A 528 -13.60 12.17 -7.74
N THR A 529 -12.50 12.22 -8.49
CA THR A 529 -12.22 13.40 -9.31
C THR A 529 -13.13 13.46 -10.53
N LEU A 530 -13.41 12.31 -11.15
CA LEU A 530 -14.26 12.29 -12.33
C LEU A 530 -15.75 12.29 -11.99
N VAL A 531 -16.12 12.53 -10.73
CA VAL A 531 -17.47 12.89 -10.37
C VAL A 531 -17.58 14.38 -10.08
N THR A 532 -16.64 14.93 -9.30
CA THR A 532 -16.66 16.35 -9.01
C THR A 532 -16.18 17.21 -10.17
N LEU A 533 -15.69 16.60 -11.25
CA LEU A 533 -15.53 17.32 -12.50
C LEU A 533 -16.77 17.25 -13.37
N LEU A 534 -17.50 16.15 -13.32
CA LEU A 534 -18.75 16.08 -14.08
C LEU A 534 -19.85 16.87 -13.39
N VAL A 535 -20.04 16.63 -12.09
CA VAL A 535 -21.08 17.34 -11.34
C VAL A 535 -20.73 18.82 -11.22
N GLY A 536 -19.45 19.13 -11.05
CA GLY A 536 -19.03 20.51 -10.90
C GLY A 536 -19.17 21.36 -12.15
N ILE A 537 -19.24 20.75 -13.32
CA ILE A 537 -19.47 21.49 -14.55
C ILE A 537 -20.96 21.68 -14.82
N LEU A 538 -21.75 20.60 -14.69
CA LEU A 538 -23.17 20.67 -15.05
C LEU A 538 -23.97 21.57 -14.13
N VAL A 539 -23.57 21.72 -12.87
CA VAL A 539 -24.20 22.72 -12.03
C VAL A 539 -23.72 24.11 -12.44
N SER A 540 -22.43 24.24 -12.76
CA SER A 540 -21.92 25.50 -13.30
C SER A 540 -22.48 25.79 -14.69
N LEU A 541 -22.78 24.76 -15.47
CA LEU A 541 -23.42 24.96 -16.76
C LEU A 541 -24.90 25.31 -16.62
N SER A 542 -25.52 24.92 -15.50
CA SER A 542 -26.91 25.31 -15.26
C SER A 542 -27.02 26.79 -14.96
N THR A 543 -25.97 27.40 -14.41
CA THR A 543 -25.95 28.82 -14.11
C THR A 543 -25.01 29.55 -15.06
N GLN B 3 -5.61 -15.09 -13.70
CA GLN B 3 -4.24 -14.68 -13.96
C GLN B 3 -3.38 -15.84 -14.45
N VAL B 4 -3.56 -17.01 -13.84
CA VAL B 4 -2.73 -18.15 -14.22
C VAL B 4 -3.18 -18.74 -15.55
N GLN B 5 -4.48 -18.61 -15.89
CA GLN B 5 -5.04 -18.93 -17.20
C GLN B 5 -4.73 -20.36 -17.66
N LEU B 6 -4.91 -21.31 -16.75
CA LEU B 6 -4.45 -22.68 -16.98
C LEU B 6 -5.41 -23.45 -17.88
N GLN B 7 -4.84 -24.37 -18.66
CA GLN B 7 -5.60 -25.19 -19.60
C GLN B 7 -5.46 -26.66 -19.22
N GLU B 8 -6.19 -27.50 -19.96
CA GLU B 8 -6.23 -28.93 -19.68
C GLU B 8 -6.66 -29.66 -20.95
N SER B 9 -6.47 -30.97 -20.94
CA SER B 9 -6.85 -31.82 -22.05
C SER B 9 -7.03 -33.25 -21.54
N GLY B 10 -7.20 -34.19 -22.45
CA GLY B 10 -7.29 -35.59 -22.09
C GLY B 10 -8.61 -36.01 -21.47
N GLY B 11 -9.68 -35.99 -22.25
CA GLY B 11 -10.97 -36.42 -21.76
C GLY B 11 -12.04 -36.55 -22.84
N GLY B 12 -12.85 -37.60 -22.77
CA GLY B 12 -13.91 -37.82 -23.73
C GLY B 12 -14.66 -39.12 -23.54
N LEU B 13 -15.22 -39.65 -24.63
CA LEU B 13 -15.99 -40.89 -24.56
C LEU B 13 -15.03 -42.08 -24.50
N VAL B 14 -15.18 -42.90 -23.46
CA VAL B 14 -14.41 -44.14 -23.32
C VAL B 14 -15.36 -45.27 -22.94
N GLN B 15 -14.83 -46.48 -22.98
CA GLN B 15 -15.58 -47.66 -22.56
C GLN B 15 -15.70 -47.68 -21.04
N ALA B 16 -16.87 -48.05 -20.55
CA ALA B 16 -17.12 -48.12 -19.11
C ALA B 16 -16.33 -49.26 -18.50
N GLY B 17 -15.24 -48.93 -17.81
CA GLY B 17 -14.37 -49.92 -17.20
C GLY B 17 -12.92 -49.86 -17.65
N GLY B 18 -12.56 -48.96 -18.57
CA GLY B 18 -11.20 -48.92 -19.07
C GLY B 18 -10.25 -48.07 -18.24
N SER B 19 -9.50 -47.18 -18.91
CA SER B 19 -8.54 -46.34 -18.23
C SER B 19 -8.33 -45.07 -19.05
N LEU B 20 -7.83 -44.03 -18.38
CA LEU B 20 -7.70 -42.70 -18.97
C LEU B 20 -6.74 -41.90 -18.11
N ARG B 21 -6.01 -40.99 -18.74
CA ARG B 21 -5.16 -40.04 -18.04
C ARG B 21 -5.55 -38.62 -18.46
N LEU B 22 -6.00 -37.83 -17.49
CA LEU B 22 -6.36 -36.44 -17.73
C LEU B 22 -5.17 -35.55 -17.41
N SER B 23 -4.80 -34.69 -18.35
CA SER B 23 -3.70 -33.77 -18.17
C SER B 23 -4.20 -32.35 -17.96
N CYS B 24 -3.38 -31.54 -17.30
CA CYS B 24 -3.73 -30.16 -17.01
C CYS B 24 -2.45 -29.36 -16.84
N ALA B 25 -2.21 -28.41 -17.74
CA ALA B 25 -1.05 -27.55 -17.65
C ALA B 25 -1.38 -26.32 -16.80
N ALA B 26 -0.42 -25.42 -16.67
CA ALA B 26 -0.61 -24.19 -15.90
C ALA B 26 0.35 -23.14 -16.44
N SER B 27 -0.19 -22.16 -17.16
CA SER B 27 0.60 -21.07 -17.71
C SER B 27 0.68 -19.95 -16.68
N GLY B 28 1.16 -18.78 -17.12
CA GLY B 28 1.19 -17.60 -16.28
C GLY B 28 2.22 -17.69 -15.16
N ASN B 29 2.03 -16.81 -14.18
CA ASN B 29 2.92 -16.74 -13.02
C ASN B 29 2.34 -17.51 -11.84
N ILE B 30 2.17 -18.81 -12.03
CA ILE B 30 1.66 -19.68 -10.99
C ILE B 30 2.83 -20.11 -10.11
N SER B 31 2.62 -20.08 -8.79
CA SER B 31 3.62 -20.59 -7.86
C SER B 31 3.76 -22.10 -8.03
N THR B 32 4.99 -22.58 -7.97
CA THR B 32 5.23 -24.02 -8.08
C THR B 32 4.72 -24.75 -6.84
N ARG B 33 5.12 -24.30 -5.65
CA ARG B 33 4.69 -24.92 -4.40
C ARG B 33 3.28 -24.43 -4.08
N ALA B 34 2.31 -25.00 -4.79
CA ALA B 34 0.95 -24.49 -4.75
C ALA B 34 -0.06 -25.47 -4.20
N GLY B 35 -0.02 -26.74 -4.60
CA GLY B 35 -1.01 -27.67 -4.13
C GLY B 35 -2.19 -27.82 -5.07
N MET B 36 -1.91 -28.12 -6.33
CA MET B 36 -2.93 -28.23 -7.35
C MET B 36 -3.85 -29.42 -7.07
N GLY B 37 -5.10 -29.30 -7.50
CA GLY B 37 -6.10 -30.32 -7.21
C GLY B 37 -6.99 -30.67 -8.39
N TRP B 38 -8.02 -31.48 -8.14
CA TRP B 38 -8.90 -31.94 -9.21
C TRP B 38 -10.31 -32.08 -8.63
N TYR B 39 -11.18 -31.13 -8.98
CA TYR B 39 -12.59 -31.17 -8.59
C TYR B 39 -13.43 -31.57 -9.80
N ARG B 40 -14.65 -32.02 -9.53
CA ARG B 40 -15.58 -32.37 -10.59
C ARG B 40 -16.99 -31.97 -10.21
N GLN B 41 -17.84 -31.84 -11.22
CA GLN B 41 -19.23 -31.43 -11.04
C GLN B 41 -20.13 -32.36 -11.82
N ALA B 42 -20.92 -33.17 -11.11
CA ALA B 42 -21.92 -34.00 -11.73
C ALA B 42 -23.07 -33.13 -12.23
N PRO B 43 -23.82 -33.61 -13.24
CA PRO B 43 -25.00 -32.84 -13.70
C PRO B 43 -26.07 -32.77 -12.62
N GLY B 44 -26.43 -31.55 -12.24
CA GLY B 44 -27.44 -31.32 -11.23
C GLY B 44 -26.97 -31.48 -9.80
N LYS B 45 -25.67 -31.58 -9.57
CA LYS B 45 -25.12 -31.77 -8.24
C LYS B 45 -24.17 -30.64 -7.88
N GLU B 46 -23.51 -30.78 -6.74
CA GLU B 46 -22.59 -29.80 -6.19
C GLU B 46 -21.17 -30.13 -6.66
N ARG B 47 -20.26 -29.16 -6.50
CA ARG B 47 -18.84 -29.38 -6.75
C ARG B 47 -18.31 -30.50 -5.85
N GLU B 48 -17.90 -31.60 -6.47
CA GLU B 48 -17.63 -32.85 -5.78
C GLU B 48 -16.16 -32.82 -5.30
N PHE B 49 -15.61 -34.00 -5.01
CA PHE B 49 -14.42 -34.25 -4.19
C PHE B 49 -13.16 -33.50 -4.57
N VAL B 50 -12.21 -33.45 -3.64
CA VAL B 50 -10.88 -32.91 -3.88
C VAL B 50 -9.90 -34.08 -3.92
N ALA B 51 -8.93 -34.00 -4.84
CA ALA B 51 -7.80 -34.92 -4.90
C ALA B 51 -6.57 -34.03 -4.93
N SER B 52 -6.11 -33.63 -3.75
CA SER B 52 -5.07 -32.61 -3.63
C SER B 52 -3.70 -33.24 -3.53
N ILE B 53 -2.73 -32.62 -4.20
CA ILE B 53 -1.32 -33.00 -4.11
C ILE B 53 -0.49 -31.73 -3.95
N ASN B 54 0.17 -31.60 -2.79
CA ASN B 54 0.94 -30.40 -2.48
C ASN B 54 2.33 -30.50 -3.09
N TRP B 55 3.23 -29.61 -2.66
CA TRP B 55 4.61 -29.66 -3.13
C TRP B 55 5.35 -30.88 -2.59
N GLY B 56 4.99 -31.33 -1.40
CA GLY B 56 5.57 -32.52 -0.81
C GLY B 56 4.94 -33.82 -1.25
N ALA B 57 4.08 -33.79 -2.26
CA ALA B 57 3.41 -34.96 -2.86
C ALA B 57 2.60 -35.76 -1.86
N ILE B 58 2.04 -35.08 -0.85
CA ILE B 58 1.13 -35.72 0.10
C ILE B 58 -0.21 -35.87 -0.60
N THR B 59 -0.48 -37.07 -1.10
CA THR B 59 -1.60 -37.30 -2.00
C THR B 59 -2.87 -37.62 -1.21
N ASN B 60 -3.97 -36.96 -1.56
CA ASN B 60 -5.23 -37.11 -0.86
C ASN B 60 -6.28 -37.65 -1.83
N TYR B 61 -7.25 -38.37 -1.29
CA TYR B 61 -8.37 -38.89 -2.05
C TYR B 61 -9.63 -38.83 -1.21
N ALA B 62 -10.78 -38.93 -1.88
CA ALA B 62 -12.05 -39.11 -1.19
C ALA B 62 -12.29 -40.60 -0.96
N ASP B 63 -13.22 -40.89 -0.04
CA ASP B 63 -13.48 -42.26 0.37
C ASP B 63 -14.11 -43.10 -0.74
N SER B 64 -14.79 -42.45 -1.69
CA SER B 64 -15.36 -43.17 -2.83
C SER B 64 -14.31 -43.54 -3.86
N VAL B 65 -13.15 -42.89 -3.84
CA VAL B 65 -12.17 -43.03 -4.91
C VAL B 65 -10.79 -43.46 -4.37
N LYS B 66 -10.76 -44.15 -3.22
CA LYS B 66 -9.51 -44.66 -2.70
C LYS B 66 -8.99 -45.79 -3.56
N GLY B 67 -7.73 -45.70 -3.96
CA GLY B 67 -7.08 -46.79 -4.70
C GLY B 67 -7.36 -46.91 -6.18
N ARG B 68 -8.63 -46.76 -6.58
CA ARG B 68 -8.99 -46.92 -7.98
C ARG B 68 -8.50 -45.78 -8.86
N PHE B 69 -8.31 -44.59 -8.29
CA PHE B 69 -7.78 -43.45 -9.02
C PHE B 69 -6.43 -43.05 -8.45
N THR B 70 -5.56 -42.53 -9.32
CA THR B 70 -4.25 -42.07 -8.89
C THR B 70 -3.95 -40.73 -9.56
N ILE B 71 -3.02 -40.00 -8.97
CA ILE B 71 -2.71 -38.64 -9.39
C ILE B 71 -1.26 -38.34 -9.02
N SER B 72 -0.55 -37.72 -9.95
CA SER B 72 0.84 -37.33 -9.72
C SER B 72 1.14 -36.07 -10.53
N ARG B 73 2.05 -35.26 -10.00
CA ARG B 73 2.49 -34.04 -10.66
C ARG B 73 4.00 -34.03 -10.77
N ASP B 74 4.50 -33.12 -11.59
CA ASP B 74 5.93 -32.85 -11.68
C ASP B 74 6.14 -31.35 -11.58
N ASN B 75 7.20 -30.95 -10.89
CA ASN B 75 7.44 -29.54 -10.62
C ASN B 75 8.21 -28.84 -11.73
N ALA B 76 8.62 -29.56 -12.76
CA ALA B 76 9.45 -28.96 -13.80
C ALA B 76 8.63 -28.07 -14.74
N LYS B 77 7.43 -28.51 -15.10
CA LYS B 77 6.61 -27.81 -16.07
C LYS B 77 5.30 -27.29 -15.49
N ASN B 78 5.07 -27.47 -14.18
CA ASN B 78 3.85 -27.04 -13.47
C ASN B 78 2.59 -27.64 -14.09
N THR B 79 2.51 -28.97 -14.02
CA THR B 79 1.36 -29.68 -14.56
C THR B 79 1.00 -30.84 -13.65
N VAL B 80 -0.23 -31.34 -13.81
CA VAL B 80 -0.78 -32.39 -12.98
C VAL B 80 -1.46 -33.42 -13.88
N TYR B 81 -1.27 -34.70 -13.56
CA TYR B 81 -1.87 -35.80 -14.31
C TYR B 81 -2.80 -36.57 -13.40
N LEU B 82 -4.09 -36.54 -13.71
CA LEU B 82 -5.08 -37.36 -13.03
C LEU B 82 -5.34 -38.58 -13.90
N GLN B 83 -5.18 -39.77 -13.33
CA GLN B 83 -5.25 -41.01 -14.08
C GLN B 83 -6.41 -41.86 -13.58
N MET B 84 -7.08 -42.55 -14.50
CA MET B 84 -8.34 -43.24 -14.25
C MET B 84 -8.15 -44.75 -14.34
N ASN B 85 -8.79 -45.47 -13.42
CA ASN B 85 -8.95 -46.92 -13.54
C ASN B 85 -10.30 -47.32 -12.93
N SER B 86 -10.84 -48.43 -13.45
CA SER B 86 -12.12 -49.02 -13.05
C SER B 86 -13.26 -48.00 -13.17
N LEU B 87 -13.51 -47.62 -14.42
CA LEU B 87 -14.49 -46.58 -14.72
C LEU B 87 -15.90 -47.10 -14.48
N LYS B 88 -16.60 -46.48 -13.54
CA LYS B 88 -17.97 -46.82 -13.23
C LYS B 88 -18.90 -46.32 -14.33
N PRO B 89 -20.12 -46.87 -14.42
CA PRO B 89 -21.11 -46.29 -15.33
C PRO B 89 -21.75 -44.99 -14.84
N GLU B 90 -21.44 -44.52 -13.63
CA GLU B 90 -22.12 -43.36 -13.08
C GLU B 90 -21.18 -42.27 -12.55
N ASP B 91 -19.87 -42.45 -12.62
CA ASP B 91 -18.94 -41.42 -12.18
C ASP B 91 -18.64 -40.38 -13.26
N THR B 92 -19.34 -40.44 -14.39
CA THR B 92 -19.13 -39.47 -15.46
C THR B 92 -19.65 -38.10 -15.07
N ALA B 93 -18.86 -37.08 -15.36
CA ALA B 93 -19.15 -35.69 -15.01
C ALA B 93 -18.24 -34.80 -15.84
N VAL B 94 -18.32 -33.51 -15.57
CA VAL B 94 -17.34 -32.55 -16.07
C VAL B 94 -16.30 -32.38 -14.97
N TYR B 95 -15.05 -32.13 -15.36
CA TYR B 95 -13.94 -32.11 -14.43
C TYR B 95 -13.18 -30.80 -14.55
N TYR B 96 -12.85 -30.21 -13.40
CA TYR B 96 -12.14 -28.95 -13.34
C TYR B 96 -10.79 -29.15 -12.67
N CYS B 97 -9.84 -28.28 -13.01
CA CYS B 97 -8.45 -28.40 -12.57
C CYS B 97 -8.12 -27.18 -11.72
N ALA B 98 -8.33 -27.31 -10.41
CA ALA B 98 -8.14 -26.20 -9.49
C ALA B 98 -6.73 -26.22 -8.91
N VAL B 99 -6.30 -25.05 -8.42
CA VAL B 99 -5.00 -24.91 -7.77
C VAL B 99 -5.19 -24.05 -6.50
N GLU B 100 -5.08 -24.68 -5.34
CA GLU B 100 -5.53 -24.09 -4.10
C GLU B 100 -4.44 -23.18 -3.52
N TYR B 101 -4.58 -21.88 -3.72
CA TYR B 101 -3.71 -20.93 -3.06
C TYR B 101 -4.10 -20.76 -1.59
N LYS B 102 -3.11 -20.47 -0.77
CA LYS B 102 -3.31 -20.10 0.64
C LYS B 102 -2.58 -18.80 0.89
N TYR B 103 -3.32 -17.78 1.34
CA TYR B 103 -2.77 -16.44 1.40
C TYR B 103 -2.84 -15.80 2.79
N GLY B 104 -3.11 -16.55 3.84
CA GLY B 104 -3.25 -15.96 5.14
C GLY B 104 -3.18 -16.94 6.30
N PRO B 105 -3.28 -16.42 7.53
CA PRO B 105 -3.13 -17.27 8.70
C PRO B 105 -4.38 -18.03 9.11
N GLN B 106 -5.55 -17.61 8.66
CA GLN B 106 -6.80 -18.23 9.09
C GLN B 106 -7.02 -19.55 8.33
N ARG B 107 -8.17 -20.16 8.54
CA ARG B 107 -8.54 -21.38 7.83
C ARG B 107 -9.41 -21.10 6.61
N SER B 108 -10.33 -20.15 6.71
CA SER B 108 -11.25 -19.84 5.61
C SER B 108 -10.72 -18.72 4.73
N ASP B 109 -9.47 -18.84 4.26
CA ASP B 109 -8.94 -17.93 3.26
C ASP B 109 -8.13 -18.76 2.26
N THR B 110 -8.83 -19.31 1.26
CA THR B 110 -8.24 -20.03 0.13
C THR B 110 -9.10 -19.72 -1.09
N TYR B 111 -8.45 -19.57 -2.24
CA TYR B 111 -9.16 -19.42 -3.50
C TYR B 111 -8.47 -20.32 -4.52
N TYR B 112 -9.12 -20.53 -5.66
CA TYR B 112 -8.89 -21.80 -6.34
C TYR B 112 -8.40 -21.74 -7.78
N TYR B 113 -8.67 -20.65 -8.51
CA TYR B 113 -8.28 -20.48 -9.92
C TYR B 113 -8.83 -21.60 -10.80
N TRP B 114 -10.15 -21.64 -10.91
CA TRP B 114 -10.81 -22.69 -11.67
C TRP B 114 -10.54 -22.55 -13.16
N GLY B 115 -10.17 -23.66 -13.80
CA GLY B 115 -9.99 -23.70 -15.23
C GLY B 115 -11.25 -24.11 -15.95
N GLN B 116 -11.11 -24.32 -17.25
CA GLN B 116 -12.25 -24.75 -18.04
C GLN B 116 -12.57 -26.22 -17.78
N GLY B 117 -13.76 -26.63 -18.19
CA GLY B 117 -14.20 -27.98 -17.97
C GLY B 117 -13.74 -28.95 -19.04
N THR B 118 -13.95 -30.23 -18.75
CA THR B 118 -13.68 -31.30 -19.71
C THR B 118 -14.65 -32.44 -19.41
N GLN B 119 -15.45 -32.80 -20.40
CA GLN B 119 -16.47 -33.83 -20.22
C GLN B 119 -15.91 -35.21 -20.59
N VAL B 120 -16.09 -36.16 -19.68
CA VAL B 120 -15.75 -37.56 -19.91
C VAL B 120 -17.03 -38.38 -19.73
N THR B 121 -17.32 -39.24 -20.71
CA THR B 121 -18.51 -40.07 -20.70
C THR B 121 -18.13 -41.55 -20.76
N VAL B 122 -19.08 -42.39 -20.38
CA VAL B 122 -18.91 -43.84 -20.45
C VAL B 122 -19.91 -44.39 -21.48
N SER B 123 -19.84 -45.70 -21.73
CA SER B 123 -20.71 -46.34 -22.70
C SER B 123 -21.72 -47.29 -22.05
N SER B 124 -21.23 -48.24 -21.25
CA SER B 124 -22.12 -49.20 -20.59
C SER B 124 -22.23 -48.90 -19.10
#